data_8Q68
#
_entry.id   8Q68
#
_cell.length_a   36.646
_cell.length_b   89.726
_cell.length_c   136.27
_cell.angle_alpha   90
_cell.angle_beta   90
_cell.angle_gamma   90
#
_symmetry.space_group_name_H-M   'P 21 21 21'
#
loop_
_entity.id
_entity.type
_entity.pdbx_description
1 polymer 'Transcriptional enhancer factor TEF-1'
2 non-polymer ~{N}-[(3~{S})-5-azanyl-1-[4-(trifluoromethyl)phenyl]-3,4-dihydro-2~{H}-quinolin-3-yl]propanamide
3 water water
#
_entity_poly.entity_id   1
_entity_poly.type   'polypeptide(L)'
_entity_poly.pdbx_seq_one_letter_code
;MGSSHHHHHHSSGLVPRGSHMRSIGTTKLRLVEFSAFLEQQRDPDSYNKHLFVHIGHANHSYSDPLLESVDIRQIYDKFP
EKKGGLKELFGKGPQNAFFLVKFWADLNCNIQDDAGAFYGVTSQYESSENMTVTCSTKVCSFGKQVVEKVETEYARFENG
RFVYRINRSPMCEYMINFIHKLKHLPEKYMMNSVLENFTILLVVTNRDTQETLLCMACVFEVSNSEHGAQHHIYRLVKD
;
_entity_poly.pdbx_strand_id   A,B
#
loop_
_chem_comp.id
_chem_comp.type
_chem_comp.name
_chem_comp.formula
K46 non-polymer ~{N}-[(3~{S})-5-azanyl-1-[4-(trifluoromethyl)phenyl]-3,4-dihydro-2~{H}-quinolin-3-yl]propanamide 'C19 H20 F3 N3 O'
#
# COMPACT_ATOMS: atom_id res chain seq x y z
N GLY A 18 -13.13 -38.44 -6.57
CA GLY A 18 -11.69 -38.42 -6.37
C GLY A 18 -11.05 -37.21 -7.01
N SER A 19 -9.88 -36.84 -6.51
CA SER A 19 -9.14 -35.68 -6.96
C SER A 19 -8.61 -35.82 -8.39
N HIS A 20 -8.57 -34.71 -9.08
CA HIS A 20 -8.00 -34.59 -10.40
C HIS A 20 -6.96 -33.52 -10.21
N MET A 21 -5.71 -33.91 -10.24
CA MET A 21 -4.63 -32.98 -9.97
C MET A 21 -3.91 -32.58 -11.26
N ARG A 22 -3.94 -31.29 -11.60
CA ARG A 22 -3.30 -30.80 -12.83
C ARG A 22 -3.12 -29.28 -12.78
N SER A 23 -2.40 -28.70 -13.77
N SER A 23 -2.39 -28.71 -13.76
CA SER A 23 -2.20 -27.27 -13.88
CA SER A 23 -2.19 -27.26 -13.85
C SER A 23 -3.52 -26.57 -14.24
C SER A 23 -3.50 -26.56 -14.26
N ILE A 24 -3.62 -25.27 -13.95
CA ILE A 24 -4.80 -24.46 -14.25
C ILE A 24 -4.95 -24.17 -15.75
N GLY A 25 -3.82 -24.02 -16.43
CA GLY A 25 -3.81 -23.63 -17.82
C GLY A 25 -3.70 -22.10 -17.90
N THR A 26 -4.08 -21.55 -19.03
CA THR A 26 -3.98 -20.09 -19.22
C THR A 26 -5.23 -19.41 -18.68
N THR A 27 -5.07 -18.30 -17.94
CA THR A 27 -6.22 -17.51 -17.49
C THR A 27 -5.95 -16.05 -17.93
N LYS A 28 -7.01 -15.25 -18.04
CA LYS A 28 -6.83 -13.85 -18.41
C LYS A 28 -6.37 -13.00 -17.21
N LEU A 29 -6.62 -13.46 -15.98
CA LEU A 29 -6.23 -12.72 -14.78
C LEU A 29 -5.58 -13.68 -13.78
N ARG A 30 -4.52 -13.23 -13.11
CA ARG A 30 -3.81 -14.03 -12.11
C ARG A 30 -3.83 -13.32 -10.75
N LEU A 31 -4.15 -14.04 -9.69
CA LEU A 31 -4.11 -13.50 -8.35
C LEU A 31 -2.64 -13.61 -7.92
N VAL A 32 -2.05 -12.51 -7.46
CA VAL A 32 -0.65 -12.50 -7.04
C VAL A 32 -0.53 -12.29 -5.52
N GLU A 33 -1.48 -11.56 -4.93
CA GLU A 33 -1.43 -11.29 -3.49
C GLU A 33 -2.82 -11.03 -2.97
N PHE A 34 -3.08 -11.50 -1.76
CA PHE A 34 -4.33 -11.23 -1.08
C PHE A 34 -4.02 -11.28 0.40
N SER A 35 -4.62 -10.39 1.17
CA SER A 35 -4.51 -10.45 2.62
C SER A 35 -5.69 -9.79 3.25
N ALA A 36 -6.04 -10.24 4.44
CA ALA A 36 -7.09 -9.62 5.27
C ALA A 36 -6.32 -9.24 6.53
N PHE A 37 -6.46 -7.97 7.00
CA PHE A 37 -5.66 -7.53 8.11
C PHE A 37 -6.37 -6.58 9.07
N LEU A 38 -5.73 -6.38 10.22
CA LEU A 38 -6.14 -5.41 11.20
C LEU A 38 -4.87 -4.60 11.49
N GLU A 39 -4.94 -3.29 11.33
CA GLU A 39 -3.83 -2.39 11.60
C GLU A 39 -4.25 -1.48 12.73
N GLN A 40 -3.42 -1.38 13.76
N GLN A 40 -3.41 -1.37 13.75
CA GLN A 40 -3.70 -0.56 14.93
CA GLN A 40 -3.66 -0.53 14.91
C GLN A 40 -2.57 0.48 15.14
C GLN A 40 -2.56 0.52 15.02
N GLN A 41 -2.94 1.74 15.33
CA GLN A 41 -2.01 2.83 15.57
C GLN A 41 -1.66 2.77 17.07
N ARG A 42 -0.38 2.77 17.43
CA ARG A 42 0.05 2.85 18.83
C ARG A 42 0.25 4.36 19.17
N ASP A 43 0.81 5.15 18.20
CA ASP A 43 0.98 6.62 18.19
C ASP A 43 1.01 7.13 16.70
N PRO A 44 1.17 8.44 16.35
CA PRO A 44 1.16 8.80 14.91
C PRO A 44 2.31 8.20 14.09
N ASP A 45 3.34 7.65 14.77
CA ASP A 45 4.47 7.05 14.04
C ASP A 45 4.66 5.56 14.29
N SER A 46 3.76 4.91 15.02
N SER A 46 3.75 4.90 15.01
CA SER A 46 3.91 3.49 15.35
CA SER A 46 3.92 3.48 15.33
C SER A 46 2.65 2.74 14.99
C SER A 46 2.65 2.72 15.00
N TYR A 47 2.77 1.67 14.20
CA TYR A 47 1.61 0.88 13.78
C TYR A 47 1.93 -0.60 13.86
N ASN A 48 0.96 -1.41 14.25
CA ASN A 48 1.09 -2.85 14.26
C ASN A 48 0.03 -3.38 13.30
N LYS A 49 0.40 -4.35 12.50
CA LYS A 49 -0.51 -4.98 11.55
C LYS A 49 -0.48 -6.49 11.84
N HIS A 50 -1.67 -7.09 11.86
CA HIS A 50 -1.85 -8.52 12.06
C HIS A 50 -2.56 -9.04 10.81
N LEU A 51 -2.09 -10.14 10.24
CA LEU A 51 -2.73 -10.74 9.08
C LEU A 51 -3.62 -11.89 9.53
N PHE A 52 -4.92 -11.86 9.17
CA PHE A 52 -5.81 -12.99 9.47
C PHE A 52 -5.58 -14.11 8.49
N VAL A 53 -5.48 -13.78 7.21
CA VAL A 53 -5.22 -14.73 6.15
C VAL A 53 -4.27 -14.02 5.15
N HIS A 54 -3.62 -14.80 4.28
CA HIS A 54 -2.80 -14.22 3.23
C HIS A 54 -2.48 -15.25 2.15
N ILE A 55 -2.27 -14.78 0.92
CA ILE A 55 -1.89 -15.55 -0.26
C ILE A 55 -0.84 -14.72 -0.99
N GLY A 56 0.24 -15.37 -1.43
CA GLY A 56 1.30 -14.68 -2.15
C GLY A 56 2.27 -13.94 -1.25
N HIS A 57 2.45 -14.41 -0.01
CA HIS A 57 3.37 -13.78 0.94
C HIS A 57 4.58 -14.66 1.15
N PRO A 65 1.50 -24.12 -10.74
CA PRO A 65 1.55 -25.40 -10.01
C PRO A 65 0.44 -26.37 -10.42
N LEU A 66 0.55 -27.61 -9.94
CA LEU A 66 -0.46 -28.61 -10.16
C LEU A 66 -1.38 -28.47 -8.98
N LEU A 67 -2.67 -28.28 -9.22
CA LEU A 67 -3.64 -28.17 -8.13
C LEU A 67 -4.53 -29.37 -8.12
N GLU A 68 -4.91 -29.79 -6.91
CA GLU A 68 -5.88 -30.84 -6.74
C GLU A 68 -7.26 -30.28 -7.00
N SER A 69 -8.30 -31.14 -7.02
CA SER A 69 -9.65 -30.69 -7.31
C SER A 69 -10.71 -30.94 -6.22
N VAL A 70 -11.82 -30.21 -6.32
CA VAL A 70 -12.96 -30.37 -5.45
C VAL A 70 -14.18 -30.41 -6.36
N ASP A 71 -15.07 -31.40 -6.10
CA ASP A 71 -16.32 -31.52 -6.81
C ASP A 71 -17.19 -30.32 -6.37
N ILE A 72 -17.49 -29.42 -7.30
CA ILE A 72 -18.31 -28.25 -7.01
C ILE A 72 -19.67 -28.62 -6.43
N ARG A 73 -20.18 -29.87 -6.73
CA ARG A 73 -21.45 -30.30 -6.14
C ARG A 73 -21.39 -30.37 -4.61
N GLN A 74 -20.19 -30.58 -4.02
CA GLN A 74 -20.06 -30.62 -2.56
C GLN A 74 -20.21 -29.28 -1.91
N ILE A 75 -20.15 -28.16 -2.66
CA ILE A 75 -20.23 -26.85 -2.01
C ILE A 75 -21.43 -26.03 -2.43
N TYR A 76 -22.28 -26.50 -3.38
CA TYR A 76 -23.45 -25.75 -3.86
C TYR A 76 -24.30 -25.18 -2.75
N ASP A 77 -24.52 -25.97 -1.69
CA ASP A 77 -25.37 -25.54 -0.57
C ASP A 77 -24.77 -24.43 0.30
N LYS A 78 -23.47 -24.25 0.22
CA LYS A 78 -22.77 -23.29 1.08
C LYS A 78 -22.63 -21.89 0.51
N PHE A 79 -22.97 -21.72 -0.77
CA PHE A 79 -22.79 -20.50 -1.52
C PHE A 79 -24.13 -20.03 -2.10
N PRO A 80 -24.21 -18.78 -2.56
CA PRO A 80 -25.47 -18.28 -3.14
C PRO A 80 -25.81 -19.07 -4.40
N GLU A 81 -27.07 -19.43 -4.54
CA GLU A 81 -27.52 -20.18 -5.70
C GLU A 81 -28.61 -19.39 -6.47
N LYS A 82 -29.30 -20.03 -7.45
CA LYS A 82 -30.26 -19.34 -8.33
C LYS A 82 -29.53 -18.30 -9.24
N LYS A 83 -30.21 -17.20 -9.69
CA LYS A 83 -29.62 -16.24 -10.63
C LYS A 83 -28.41 -15.49 -10.08
N GLY A 84 -27.31 -15.56 -10.82
CA GLY A 84 -26.05 -14.96 -10.43
C GLY A 84 -25.25 -15.79 -9.43
N GLY A 85 -25.79 -16.94 -9.03
CA GLY A 85 -25.18 -17.83 -8.04
C GLY A 85 -24.05 -18.68 -8.58
N LEU A 86 -23.38 -19.42 -7.69
CA LEU A 86 -22.23 -20.26 -8.04
C LEU A 86 -22.48 -21.27 -9.19
N LYS A 87 -23.60 -22.00 -9.16
CA LYS A 87 -23.87 -23.01 -10.20
C LYS A 87 -24.01 -22.35 -11.58
N GLU A 88 -24.71 -21.21 -11.63
CA GLU A 88 -24.89 -20.46 -12.87
C GLU A 88 -23.57 -19.86 -13.37
N LEU A 89 -22.78 -19.29 -12.44
CA LEU A 89 -21.48 -18.74 -12.79
C LEU A 89 -20.55 -19.84 -13.33
N PHE A 90 -20.49 -20.99 -12.61
CA PHE A 90 -19.65 -22.11 -13.06
C PHE A 90 -20.05 -22.63 -14.45
N GLY A 91 -21.36 -22.73 -14.70
CA GLY A 91 -21.89 -23.19 -15.98
C GLY A 91 -21.44 -22.31 -17.13
N LYS A 92 -21.47 -20.97 -16.92
CA LYS A 92 -21.05 -19.98 -17.92
C LYS A 92 -19.53 -20.04 -18.19
N GLY A 93 -18.75 -20.41 -17.17
CA GLY A 93 -17.30 -20.54 -17.32
C GLY A 93 -16.57 -19.22 -17.46
N PRO A 94 -15.24 -19.24 -17.80
CA PRO A 94 -14.36 -20.41 -18.02
C PRO A 94 -14.16 -21.20 -16.70
N GLN A 95 -14.38 -22.50 -16.76
CA GLN A 95 -14.34 -23.34 -15.56
C GLN A 95 -12.94 -23.38 -14.92
N ASN A 96 -11.86 -23.13 -15.70
CA ASN A 96 -10.51 -23.12 -15.12
C ASN A 96 -10.22 -21.85 -14.26
N ALA A 97 -11.14 -20.90 -14.22
CA ALA A 97 -10.99 -19.70 -13.36
C ALA A 97 -11.76 -19.87 -12.01
N PHE A 98 -12.33 -21.07 -11.74
CA PHE A 98 -13.10 -21.30 -10.53
C PHE A 98 -12.31 -22.14 -9.55
N PHE A 99 -12.20 -21.68 -8.31
CA PHE A 99 -11.39 -22.34 -7.31
C PHE A 99 -12.08 -22.42 -5.96
N LEU A 100 -11.80 -23.48 -5.18
CA LEU A 100 -12.20 -23.52 -3.79
C LEU A 100 -10.92 -23.12 -2.99
N VAL A 101 -11.02 -22.13 -2.11
CA VAL A 101 -9.89 -21.74 -1.28
C VAL A 101 -10.20 -22.07 0.18
N LYS A 102 -9.41 -22.98 0.78
CA LYS A 102 -9.63 -23.30 2.19
C LYS A 102 -8.63 -22.44 2.98
N PHE A 103 -9.11 -21.65 3.93
CA PHE A 103 -8.28 -20.83 4.78
C PHE A 103 -8.24 -21.33 6.24
N TRP A 104 -7.09 -21.18 6.92
CA TRP A 104 -6.91 -21.46 8.34
C TRP A 104 -6.47 -20.10 8.86
N ALA A 105 -7.42 -19.35 9.32
CA ALA A 105 -7.21 -17.97 9.75
C ALA A 105 -6.44 -17.86 11.07
N ASP A 106 -5.69 -16.80 11.22
CA ASP A 106 -4.94 -16.54 12.45
C ASP A 106 -5.73 -15.50 13.21
N LEU A 107 -6.29 -15.88 14.36
CA LEU A 107 -7.04 -14.94 15.20
C LEU A 107 -6.29 -14.52 16.48
N ASN A 108 -4.98 -14.68 16.52
CA ASN A 108 -4.18 -14.33 17.67
C ASN A 108 -3.76 -12.87 17.60
N CYS A 109 -4.69 -11.99 17.94
CA CYS A 109 -4.51 -10.53 17.96
C CYS A 109 -5.49 -9.90 18.92
N ASN A 110 -5.10 -8.78 19.52
CA ASN A 110 -6.01 -8.06 20.40
C ASN A 110 -7.12 -7.41 19.58
N ILE A 111 -8.30 -7.31 20.14
CA ILE A 111 -9.43 -6.63 19.52
C ILE A 111 -9.21 -5.18 19.93
N GLN A 112 -9.19 -4.26 18.96
CA GLN A 112 -9.02 -2.85 19.30
C GLN A 112 -10.31 -2.10 19.08
N ASP A 113 -10.89 -1.63 20.18
CA ASP A 113 -12.17 -0.93 20.27
C ASP A 113 -11.99 0.51 20.74
N ASP A 114 -12.42 1.46 19.91
CA ASP A 114 -12.32 2.89 20.22
C ASP A 114 -10.85 3.33 20.29
N ALA A 115 -9.99 2.82 19.37
CA ALA A 115 -8.57 3.18 19.43
C ALA A 115 -7.81 3.41 18.09
N GLY A 116 -8.49 3.74 17.00
CA GLY A 116 -7.82 3.94 15.72
C GLY A 116 -7.34 2.63 15.12
N ALA A 117 -8.28 1.78 14.73
CA ALA A 117 -7.98 0.50 14.14
C ALA A 117 -8.63 0.44 12.78
N PHE A 118 -7.96 -0.18 11.82
CA PHE A 118 -8.50 -0.31 10.49
C PHE A 118 -8.52 -1.79 10.16
N TYR A 119 -9.69 -2.30 9.83
CA TYR A 119 -9.84 -3.70 9.44
C TYR A 119 -9.92 -3.57 7.95
N GLY A 120 -8.99 -4.20 7.24
CA GLY A 120 -8.97 -4.09 5.80
C GLY A 120 -8.55 -5.30 4.99
N VAL A 121 -8.50 -5.10 3.68
CA VAL A 121 -8.18 -6.18 2.75
C VAL A 121 -7.24 -5.61 1.68
N THR A 122 -6.22 -6.37 1.30
CA THR A 122 -5.34 -6.00 0.20
C THR A 122 -5.46 -7.09 -0.85
N SER A 123 -5.27 -6.74 -2.11
CA SER A 123 -5.25 -7.72 -3.18
C SER A 123 -4.44 -7.15 -4.37
N GLN A 124 -3.85 -8.04 -5.15
CA GLN A 124 -3.16 -7.67 -6.35
C GLN A 124 -3.40 -8.72 -7.37
N TYR A 125 -3.91 -8.30 -8.51
CA TYR A 125 -4.14 -9.18 -9.66
C TYR A 125 -3.26 -8.66 -10.77
N GLU A 126 -2.94 -9.52 -11.74
CA GLU A 126 -2.12 -9.12 -12.88
C GLU A 126 -2.69 -9.76 -14.18
N SER A 127 -2.48 -9.07 -15.31
CA SER A 127 -2.93 -9.51 -16.61
C SER A 127 -2.08 -8.94 -17.72
N SER A 128 -2.09 -9.58 -18.89
CA SER A 128 -1.43 -9.01 -20.06
C SER A 128 -2.44 -8.01 -20.75
N GLU A 129 -3.75 -8.05 -20.41
CA GLU A 129 -4.78 -7.16 -20.94
C GLU A 129 -5.03 -5.96 -20.04
N ASN A 130 -5.40 -4.83 -20.67
CA ASN A 130 -5.80 -3.64 -19.92
C ASN A 130 -7.31 -3.75 -19.84
N MET A 131 -7.82 -4.02 -18.65
CA MET A 131 -9.25 -4.16 -18.45
C MET A 131 -9.74 -3.30 -17.29
N THR A 132 -11.04 -3.09 -17.20
CA THR A 132 -11.67 -2.44 -16.04
C THR A 132 -12.17 -3.66 -15.23
N VAL A 133 -11.76 -3.82 -13.98
CA VAL A 133 -12.05 -5.01 -13.19
C VAL A 133 -12.98 -4.73 -12.01
N THR A 134 -14.02 -5.56 -11.82
CA THR A 134 -14.94 -5.34 -10.70
C THR A 134 -14.82 -6.56 -9.78
N CYS A 135 -14.59 -6.33 -8.51
CA CYS A 135 -14.48 -7.40 -7.50
C CYS A 135 -15.74 -7.38 -6.66
N SER A 136 -16.41 -8.54 -6.61
CA SER A 136 -17.60 -8.69 -5.84
C SER A 136 -17.33 -9.69 -4.70
N THR A 137 -17.48 -9.25 -3.47
CA THR A 137 -17.28 -10.12 -2.30
C THR A 137 -18.64 -10.38 -1.65
N LYS A 138 -19.13 -11.63 -1.69
CA LYS A 138 -20.40 -11.93 -1.03
C LYS A 138 -20.14 -12.75 0.19
N VAL A 139 -20.58 -12.24 1.33
CA VAL A 139 -20.42 -12.95 2.59
C VAL A 139 -21.71 -13.69 2.86
N CYS A 140 -21.61 -14.98 3.11
CA CYS A 140 -22.75 -15.81 3.36
C CYS A 140 -22.70 -16.41 4.71
N SER A 141 -23.86 -16.42 5.34
CA SER A 141 -24.12 -17.04 6.61
C SER A 141 -25.21 -18.09 6.31
N PHE A 142 -24.89 -19.38 6.54
CA PHE A 142 -25.81 -20.50 6.27
C PHE A 142 -26.25 -20.55 4.79
N GLY A 143 -25.31 -20.27 3.88
CA GLY A 143 -25.59 -20.28 2.44
C GLY A 143 -26.34 -19.07 1.90
N LYS A 144 -26.64 -18.10 2.76
CA LYS A 144 -27.41 -16.91 2.39
C LYS A 144 -26.56 -15.65 2.53
N GLN A 145 -26.61 -14.81 1.49
CA GLN A 145 -25.85 -13.57 1.42
C GLN A 145 -26.25 -12.54 2.49
N VAL A 146 -25.34 -12.15 3.38
CA VAL A 146 -25.58 -11.12 4.36
C VAL A 146 -24.99 -9.75 3.90
N VAL A 147 -23.93 -9.76 3.10
CA VAL A 147 -23.30 -8.55 2.58
C VAL A 147 -22.76 -8.83 1.19
N GLU A 148 -22.84 -7.85 0.29
CA GLU A 148 -22.13 -7.92 -0.97
C GLU A 148 -21.34 -6.63 -1.08
N LYS A 149 -20.04 -6.73 -1.24
CA LYS A 149 -19.17 -5.58 -1.42
C LYS A 149 -18.75 -5.59 -2.88
N VAL A 150 -18.86 -4.42 -3.53
CA VAL A 150 -18.49 -4.31 -4.93
C VAL A 150 -17.52 -3.16 -5.07
N GLU A 151 -16.39 -3.41 -5.74
CA GLU A 151 -15.37 -2.42 -5.90
C GLU A 151 -14.86 -2.52 -7.31
N THR A 152 -14.73 -1.37 -7.99
CA THR A 152 -14.25 -1.40 -9.38
C THR A 152 -12.86 -0.75 -9.47
N GLU A 153 -11.94 -1.37 -10.22
CA GLU A 153 -10.60 -0.83 -10.35
C GLU A 153 -10.11 -0.80 -11.77
N TYR A 154 -9.28 0.20 -12.05
CA TYR A 154 -8.63 0.34 -13.34
C TYR A 154 -7.16 -0.13 -13.24
N ALA A 155 -6.56 -0.43 -14.39
CA ALA A 155 -5.20 -0.94 -14.43
C ALA A 155 -4.14 0.12 -14.31
N ARG A 156 -2.94 -0.31 -13.87
CA ARG A 156 -1.72 0.46 -13.90
C ARG A 156 -0.72 -0.44 -14.66
N PHE A 157 -0.04 0.13 -15.65
CA PHE A 157 1.00 -0.57 -16.37
C PHE A 157 2.23 -0.56 -15.48
N GLU A 158 2.74 -1.74 -15.10
CA GLU A 158 3.93 -1.81 -14.24
C GLU A 158 4.73 -3.01 -14.67
N ASN A 159 6.06 -2.85 -14.81
CA ASN A 159 6.96 -3.96 -15.12
C ASN A 159 6.46 -4.86 -16.30
N GLY A 160 6.00 -4.26 -17.39
CA GLY A 160 5.56 -5.00 -18.57
C GLY A 160 4.19 -5.69 -18.56
N ARG A 161 3.37 -5.48 -17.52
CA ARG A 161 2.04 -6.09 -17.46
C ARG A 161 1.06 -5.12 -16.77
N PHE A 162 -0.22 -5.42 -16.78
CA PHE A 162 -1.22 -4.62 -16.11
C PHE A 162 -1.44 -5.15 -14.69
N VAL A 163 -1.34 -4.27 -13.66
CA VAL A 163 -1.48 -4.59 -12.26
C VAL A 163 -2.75 -3.95 -11.66
N TYR A 164 -3.51 -4.73 -10.88
CA TYR A 164 -4.75 -4.24 -10.30
C TYR A 164 -4.56 -4.42 -8.83
N ARG A 165 -4.19 -3.34 -8.13
CA ARG A 165 -3.91 -3.40 -6.71
C ARG A 165 -4.92 -2.62 -5.87
N ILE A 166 -5.31 -3.23 -4.76
CA ILE A 166 -6.17 -2.60 -3.76
C ILE A 166 -5.38 -2.73 -2.46
N ASN A 167 -4.98 -1.62 -1.84
CA ASN A 167 -4.08 -1.67 -0.66
C ASN A 167 -4.74 -1.53 0.68
N ARG A 168 -5.95 -0.99 0.71
CA ARG A 168 -6.57 -0.66 1.99
C ARG A 168 -8.08 -0.62 1.88
N SER A 169 -8.67 -1.72 1.38
CA SER A 169 -10.11 -1.76 1.20
C SER A 169 -10.75 -2.10 2.54
N PRO A 170 -11.72 -1.31 3.01
CA PRO A 170 -12.30 -1.58 4.32
C PRO A 170 -13.13 -2.86 4.36
N MET A 171 -13.01 -3.62 5.46
CA MET A 171 -13.90 -4.75 5.67
C MET A 171 -15.30 -4.20 6.00
N CYS A 172 -16.35 -4.99 5.72
CA CYS A 172 -17.74 -4.68 6.08
C CYS A 172 -17.89 -4.86 7.59
N GLU A 173 -18.83 -4.13 8.22
CA GLU A 173 -19.10 -4.15 9.66
C GLU A 173 -19.45 -5.54 10.12
N TYR A 174 -20.13 -6.35 9.28
CA TYR A 174 -20.49 -7.72 9.64
C TYR A 174 -19.24 -8.51 10.02
N MET A 175 -18.17 -8.30 9.26
CA MET A 175 -16.94 -9.03 9.49
C MET A 175 -16.23 -8.66 10.75
N ILE A 176 -16.24 -7.39 11.06
CA ILE A 176 -15.62 -6.88 12.28
C ILE A 176 -16.27 -7.50 13.52
N ASN A 177 -17.61 -7.44 13.62
N ASN A 177 -17.60 -7.43 13.61
CA ASN A 177 -18.32 -8.04 14.75
CA ASN A 177 -18.35 -8.01 14.72
C ASN A 177 -18.15 -9.54 14.78
C ASN A 177 -18.18 -9.52 14.77
N PHE A 178 -18.18 -10.18 13.59
CA PHE A 178 -17.99 -11.64 13.54
C PHE A 178 -16.59 -12.06 14.07
N ILE A 179 -15.52 -11.36 13.68
CA ILE A 179 -14.14 -11.59 14.19
C ILE A 179 -14.13 -11.42 15.72
N HIS A 180 -14.77 -10.37 16.20
CA HIS A 180 -14.86 -10.12 17.65
C HIS A 180 -15.54 -11.30 18.38
N LYS A 181 -16.65 -11.80 17.85
CA LYS A 181 -17.34 -12.96 18.46
C LYS A 181 -16.50 -14.27 18.45
N LEU A 182 -15.82 -14.57 17.32
CA LEU A 182 -14.95 -15.74 17.21
C LEU A 182 -13.86 -15.70 18.27
N LYS A 183 -13.13 -14.55 18.40
CA LYS A 183 -12.04 -14.38 19.35
C LYS A 183 -12.45 -14.64 20.81
N HIS A 184 -13.72 -14.37 21.15
CA HIS A 184 -14.21 -14.60 22.51
C HIS A 184 -14.33 -16.12 22.84
N LEU A 185 -14.43 -16.98 21.81
CA LEU A 185 -14.60 -18.41 22.04
C LEU A 185 -13.40 -19.05 22.76
N PRO A 186 -13.68 -19.85 23.80
CA PRO A 186 -12.57 -20.46 24.56
C PRO A 186 -11.70 -21.51 23.83
N GLU A 187 -12.26 -22.19 22.82
CA GLU A 187 -11.49 -23.23 22.12
C GLU A 187 -11.55 -23.07 20.61
N LYS A 188 -10.47 -23.47 19.94
CA LYS A 188 -10.42 -23.42 18.48
C LYS A 188 -11.48 -24.31 17.85
N TYR A 189 -11.79 -25.47 18.48
CA TYR A 189 -12.83 -26.33 17.90
C TYR A 189 -14.20 -25.63 17.87
N MET A 190 -14.44 -24.70 18.82
CA MET A 190 -15.70 -23.93 18.82
C MET A 190 -15.70 -22.89 17.69
N MET A 191 -14.55 -22.29 17.39
CA MET A 191 -14.44 -21.33 16.27
C MET A 191 -14.63 -22.09 14.97
N ASN A 192 -14.02 -23.29 14.82
CA ASN A 192 -14.26 -24.12 13.64
C ASN A 192 -15.76 -24.44 13.45
N SER A 193 -16.47 -24.80 14.54
N SER A 193 -16.46 -24.80 14.54
CA SER A 193 -17.90 -25.09 14.45
CA SER A 193 -17.90 -25.07 14.49
C SER A 193 -18.72 -23.88 13.97
C SER A 193 -18.69 -23.87 13.94
N VAL A 194 -18.43 -22.67 14.48
CA VAL A 194 -19.12 -21.44 14.03
C VAL A 194 -18.78 -21.17 12.54
N LEU A 195 -17.51 -21.35 12.19
CA LEU A 195 -17.00 -21.11 10.86
C LEU A 195 -17.56 -22.06 9.81
N GLU A 196 -18.12 -23.24 10.22
CA GLU A 196 -18.71 -24.15 9.22
C GLU A 196 -19.86 -23.48 8.45
N ASN A 197 -20.52 -22.49 9.06
CA ASN A 197 -21.65 -21.82 8.43
C ASN A 197 -21.29 -20.45 7.85
N PHE A 198 -20.01 -20.16 7.66
CA PHE A 198 -19.57 -18.88 7.15
C PHE A 198 -18.77 -19.13 5.90
N THR A 199 -19.14 -18.50 4.77
CA THR A 199 -18.34 -18.63 3.55
C THR A 199 -18.28 -17.27 2.85
N ILE A 200 -17.32 -17.11 1.95
CA ILE A 200 -17.21 -15.90 1.16
C ILE A 200 -17.03 -16.28 -0.29
N LEU A 201 -17.79 -15.66 -1.18
CA LEU A 201 -17.64 -15.91 -2.61
C LEU A 201 -17.03 -14.65 -3.24
N LEU A 202 -15.80 -14.76 -3.74
CA LEU A 202 -15.15 -13.62 -4.37
C LEU A 202 -15.17 -13.82 -5.87
N VAL A 203 -15.83 -12.90 -6.57
CA VAL A 203 -15.93 -13.02 -8.03
C VAL A 203 -15.32 -11.77 -8.67
N VAL A 204 -14.34 -11.97 -9.54
CA VAL A 204 -13.66 -10.90 -10.23
C VAL A 204 -14.14 -10.95 -11.67
N THR A 205 -14.67 -9.84 -12.15
N THR A 205 -14.67 -9.83 -12.16
CA THR A 205 -15.27 -9.77 -13.47
CA THR A 205 -15.16 -9.77 -13.52
C THR A 205 -14.64 -8.64 -14.32
C THR A 205 -14.48 -8.67 -14.34
N ASN A 206 -14.61 -8.77 -15.66
CA ASN A 206 -14.17 -7.70 -16.54
C ASN A 206 -15.46 -6.84 -16.56
N ARG A 207 -15.42 -5.62 -16.01
CA ARG A 207 -16.63 -4.78 -15.93
C ARG A 207 -17.30 -4.55 -17.25
N ASP A 208 -16.50 -4.44 -18.33
CA ASP A 208 -17.06 -4.11 -19.63
C ASP A 208 -17.72 -5.27 -20.38
N THR A 209 -17.22 -6.49 -20.20
CA THR A 209 -17.74 -7.67 -20.90
C THR A 209 -18.56 -8.60 -20.03
N GLN A 210 -18.45 -8.48 -18.70
CA GLN A 210 -19.08 -9.36 -17.71
C GLN A 210 -18.42 -10.76 -17.62
N GLU A 211 -17.32 -11.00 -18.32
CA GLU A 211 -16.62 -12.27 -18.26
C GLU A 211 -16.07 -12.50 -16.87
N THR A 212 -16.21 -13.72 -16.35
CA THR A 212 -15.63 -14.08 -15.07
C THR A 212 -14.15 -14.30 -15.31
N LEU A 213 -13.32 -13.50 -14.65
CA LEU A 213 -11.87 -13.60 -14.71
C LEU A 213 -11.38 -14.55 -13.61
N LEU A 214 -12.01 -14.50 -12.43
CA LEU A 214 -11.64 -15.37 -11.31
C LEU A 214 -12.84 -15.54 -10.40
N CYS A 215 -13.02 -16.73 -9.83
CA CYS A 215 -14.04 -16.96 -8.84
C CYS A 215 -13.44 -17.85 -7.75
N MET A 216 -13.40 -17.36 -6.52
CA MET A 216 -12.87 -18.07 -5.39
C MET A 216 -13.98 -18.28 -4.35
N ALA A 217 -14.33 -19.55 -4.10
CA ALA A 217 -15.33 -19.97 -3.10
C ALA A 217 -14.49 -20.23 -1.86
N CYS A 218 -14.56 -19.37 -0.85
CA CYS A 218 -13.71 -19.42 0.34
C CYS A 218 -14.38 -20.06 1.54
N VAL A 219 -13.70 -21.05 2.13
CA VAL A 219 -14.15 -21.74 3.32
C VAL A 219 -13.10 -21.56 4.44
N PHE A 220 -13.53 -21.67 5.70
CA PHE A 220 -12.69 -21.26 6.81
C PHE A 220 -12.66 -22.16 7.99
N GLU A 221 -11.50 -22.23 8.55
CA GLU A 221 -11.23 -22.87 9.83
C GLU A 221 -10.20 -21.93 10.50
N VAL A 222 -9.83 -22.23 11.74
N VAL A 222 -9.84 -22.22 11.75
CA VAL A 222 -8.83 -21.44 12.45
CA VAL A 222 -8.79 -21.44 12.41
C VAL A 222 -7.50 -22.25 12.46
C VAL A 222 -7.49 -22.27 12.41
N SER A 223 -6.37 -21.57 12.32
CA SER A 223 -5.07 -22.20 12.28
C SER A 223 -4.66 -22.74 13.63
N ASN A 224 -4.01 -23.89 13.58
CA ASN A 224 -3.35 -24.50 14.73
C ASN A 224 -1.78 -24.53 14.53
N SER A 225 -1.28 -23.93 13.45
CA SER A 225 0.14 -23.90 13.11
C SER A 225 0.89 -22.85 13.88
N GLU A 226 2.12 -23.19 14.30
CA GLU A 226 2.96 -22.19 14.97
C GLU A 226 3.44 -21.11 13.96
N HIS A 227 3.34 -21.38 12.63
CA HIS A 227 3.69 -20.43 11.57
C HIS A 227 2.54 -19.50 11.15
N GLY A 228 1.43 -19.52 11.90
CA GLY A 228 0.30 -18.64 11.64
C GLY A 228 -0.68 -19.13 10.59
N ALA A 229 -1.26 -18.18 9.83
CA ALA A 229 -2.26 -18.48 8.80
C ALA A 229 -1.77 -19.38 7.70
N GLN A 230 -2.67 -20.26 7.21
N GLN A 230 -2.67 -20.25 7.20
CA GLN A 230 -2.38 -21.19 6.13
CA GLN A 230 -2.39 -21.18 6.12
C GLN A 230 -3.55 -21.22 5.13
C GLN A 230 -3.54 -21.14 5.09
N HIS A 231 -3.33 -21.76 3.93
CA HIS A 231 -4.39 -21.86 2.92
C HIS A 231 -4.05 -22.96 1.93
N HIS A 232 -5.07 -23.50 1.28
CA HIS A 232 -4.88 -24.49 0.24
C HIS A 232 -5.85 -24.17 -0.88
N ILE A 233 -5.37 -24.12 -2.13
CA ILE A 233 -6.24 -23.82 -3.25
C ILE A 233 -6.54 -25.13 -4.03
N TYR A 234 -7.81 -25.33 -4.40
CA TYR A 234 -8.23 -26.45 -5.21
C TYR A 234 -8.98 -25.92 -6.43
N ARG A 235 -8.87 -26.60 -7.56
CA ARG A 235 -9.66 -26.27 -8.73
C ARG A 235 -11.04 -26.87 -8.55
N LEU A 236 -12.09 -26.12 -8.93
CA LEU A 236 -13.45 -26.65 -8.84
C LEU A 236 -13.75 -27.37 -10.17
N VAL A 237 -14.23 -28.58 -10.07
CA VAL A 237 -14.57 -29.39 -11.24
C VAL A 237 -16.02 -29.89 -11.09
N LYS A 238 -16.61 -30.33 -12.19
CA LYS A 238 -17.96 -30.90 -12.18
C LYS A 238 -17.74 -32.38 -12.49
N ASP A 239 -17.93 -33.26 -11.50
CA ASP A 239 -17.71 -34.70 -11.59
C ASP A 239 -16.27 -35.08 -11.21
N GLY B 18 12.03 39.41 2.96
CA GLY B 18 11.39 38.64 4.03
C GLY B 18 10.38 37.63 3.50
N SER B 19 9.58 37.04 4.39
CA SER B 19 8.58 36.06 3.99
C SER B 19 7.45 36.66 3.13
N HIS B 20 6.97 35.84 2.21
CA HIS B 20 5.86 36.15 1.35
C HIS B 20 4.95 34.97 1.53
N MET B 21 3.76 35.19 2.06
CA MET B 21 2.83 34.11 2.38
C MET B 21 1.67 34.19 1.42
N ARG B 22 1.54 33.16 0.57
CA ARG B 22 0.49 33.15 -0.44
C ARG B 22 0.19 31.74 -0.92
N SER B 23 -0.93 31.57 -1.66
CA SER B 23 -1.30 30.24 -2.14
C SER B 23 -0.47 29.77 -3.29
N ILE B 24 -0.35 28.42 -3.46
CA ILE B 24 0.44 27.78 -4.54
C ILE B 24 -0.11 28.15 -5.91
N GLY B 25 -1.43 28.14 -6.02
CA GLY B 25 -2.12 28.37 -7.27
C GLY B 25 -2.55 27.05 -7.87
N THR B 26 -2.01 26.72 -9.04
CA THR B 26 -2.35 25.47 -9.69
C THR B 26 -1.07 24.80 -10.12
N THR B 27 -0.89 23.52 -9.75
CA THR B 27 0.24 22.76 -10.25
C THR B 27 -0.35 21.60 -11.05
N LYS B 28 0.43 21.06 -11.96
CA LYS B 28 0.02 19.92 -12.73
C LYS B 28 -0.02 18.64 -11.83
N LEU B 29 0.77 18.60 -10.74
CA LEU B 29 0.87 17.42 -9.89
C LEU B 29 0.85 17.84 -8.44
N ARG B 30 0.17 17.08 -7.61
CA ARG B 30 -0.01 17.36 -6.18
C ARG B 30 0.54 16.20 -5.39
N LEU B 31 1.41 16.45 -4.40
CA LEU B 31 1.86 15.39 -3.50
C LEU B 31 0.73 15.26 -2.46
N VAL B 32 0.20 14.05 -2.28
CA VAL B 32 -0.90 13.82 -1.35
C VAL B 32 -0.46 13.05 -0.12
N GLU B 33 0.48 12.13 -0.30
CA GLU B 33 0.98 11.35 0.81
C GLU B 33 2.45 11.06 0.60
N PHE B 34 3.16 10.99 1.70
CA PHE B 34 4.56 10.59 1.70
C PHE B 34 4.88 10.01 3.05
N SER B 35 5.66 8.93 3.10
CA SER B 35 6.17 8.43 4.39
C SER B 35 7.48 7.71 4.17
N ALA B 36 8.35 7.73 5.16
CA ALA B 36 9.61 6.96 5.10
C ALA B 36 9.48 6.12 6.35
N PHE B 37 9.66 4.80 6.23
CA PHE B 37 9.39 3.93 7.34
C PHE B 37 10.37 2.74 7.48
N LEU B 38 10.30 2.07 8.62
CA LEU B 38 10.98 0.83 8.88
C LEU B 38 9.85 -0.15 9.30
N GLU B 39 9.77 -1.30 8.62
CA GLU B 39 8.80 -2.34 8.96
C GLU B 39 9.55 -3.60 9.37
N GLN B 40 9.24 -4.14 10.54
N GLN B 40 9.21 -4.15 10.52
CA GLN B 40 9.91 -5.31 11.12
CA GLN B 40 9.84 -5.33 11.08
C GLN B 40 8.89 -6.44 11.34
C GLN B 40 8.80 -6.43 11.19
N GLN B 41 9.18 -7.64 10.81
CA GLN B 41 8.31 -8.79 10.92
C GLN B 41 8.59 -9.45 12.26
N ARG B 42 7.55 -9.68 13.06
CA ARG B 42 7.71 -10.43 14.31
C ARG B 42 7.51 -11.92 13.98
N ASP B 43 6.41 -12.24 13.27
CA ASP B 43 6.09 -13.58 12.75
C ASP B 43 5.43 -13.40 11.34
N PRO B 44 5.17 -14.47 10.53
CA PRO B 44 4.54 -14.23 9.20
C PRO B 44 3.23 -13.45 9.25
N ASP B 45 2.57 -13.33 10.44
CA ASP B 45 1.33 -12.58 10.49
C ASP B 45 1.37 -11.29 11.34
N SER B 46 2.55 -10.87 11.77
CA SER B 46 2.66 -9.70 12.63
C SER B 46 3.76 -8.76 12.21
N TYR B 47 3.41 -7.48 12.00
CA TYR B 47 4.36 -6.52 11.49
C TYR B 47 4.29 -5.25 12.25
N ASN B 48 5.42 -4.69 12.67
CA ASN B 48 5.40 -3.40 13.36
C ASN B 48 6.05 -2.40 12.39
N LYS B 49 5.41 -1.25 12.20
CA LYS B 49 5.93 -0.18 11.34
C LYS B 49 6.24 1.06 12.14
N HIS B 50 7.37 1.68 11.89
CA HIS B 50 7.73 2.96 12.51
C HIS B 50 7.86 3.98 11.38
N LEU B 51 7.24 5.15 11.48
CA LEU B 51 7.41 6.20 10.49
C LEU B 51 8.52 7.18 10.94
N PHE B 52 9.50 7.50 10.07
CA PHE B 52 10.56 8.47 10.39
C PHE B 52 10.05 9.87 10.12
N VAL B 53 9.38 10.06 8.98
CA VAL B 53 8.75 11.31 8.57
C VAL B 53 7.43 10.94 7.86
N HIS B 54 6.55 11.94 7.61
CA HIS B 54 5.31 11.73 6.92
C HIS B 54 4.63 13.05 6.55
N ILE B 55 3.90 13.03 5.43
CA ILE B 55 3.08 14.13 4.92
C ILE B 55 1.76 13.53 4.48
N GLY B 56 0.66 14.20 4.81
CA GLY B 56 -0.67 13.81 4.39
C GLY B 56 -1.37 12.78 5.25
N HIS B 57 -0.88 12.53 6.47
CA HIS B 57 -1.52 11.54 7.34
C HIS B 57 -2.67 12.09 8.22
N PRO B 65 -3.36 25.79 0.14
CA PRO B 65 -3.20 26.55 1.39
C PRO B 65 -2.26 27.76 1.22
N LEU B 66 -2.26 28.68 2.20
CA LEU B 66 -1.33 29.79 2.14
C LEU B 66 -0.01 29.25 2.66
N LEU B 67 1.04 29.45 1.89
CA LEU B 67 2.38 28.99 2.31
C LEU B 67 3.34 30.14 2.40
N GLU B 68 4.18 30.14 3.42
CA GLU B 68 5.25 31.11 3.54
C GLU B 68 6.36 30.77 2.53
N SER B 69 7.30 31.70 2.33
CA SER B 69 8.37 31.45 1.38
C SER B 69 9.73 31.36 2.05
N VAL B 70 10.68 30.70 1.38
CA VAL B 70 12.08 30.61 1.77
C VAL B 70 12.84 31.08 0.54
N ASP B 71 13.78 32.05 0.69
CA ASP B 71 14.53 32.49 -0.47
C ASP B 71 15.49 31.39 -0.83
N ILE B 72 15.50 31.02 -2.10
CA ILE B 72 16.39 29.97 -2.59
C ILE B 72 17.87 30.35 -2.37
N ARG B 73 18.19 31.69 -2.28
CA ARG B 73 19.58 32.06 -2.01
C ARG B 73 20.02 31.68 -0.57
N GLN B 74 19.07 31.39 0.35
CA GLN B 74 19.42 30.90 1.67
C GLN B 74 19.86 29.41 1.63
N ILE B 75 19.45 28.65 0.59
CA ILE B 75 19.75 27.20 0.59
C ILE B 75 20.61 26.70 -0.54
N TYR B 76 21.13 27.56 -1.42
CA TYR B 76 21.93 27.09 -2.56
C TYR B 76 23.07 26.11 -2.17
N ASP B 77 23.84 26.40 -1.09
CA ASP B 77 24.99 25.55 -0.72
C ASP B 77 24.62 24.19 -0.14
N LYS B 78 23.33 24.00 0.22
CA LYS B 78 22.88 22.72 0.77
C LYS B 78 22.41 21.70 -0.25
N PHE B 79 22.38 22.09 -1.50
CA PHE B 79 21.87 21.25 -2.56
C PHE B 79 22.86 21.25 -3.71
N PRO B 80 22.84 20.20 -4.54
CA PRO B 80 23.76 20.16 -5.68
C PRO B 80 23.52 21.32 -6.62
N GLU B 81 24.59 22.00 -7.00
CA GLU B 81 24.50 23.12 -7.92
C GLU B 81 25.20 22.79 -9.24
N LYS B 82 25.41 23.77 -10.14
CA LYS B 82 25.99 23.50 -11.45
C LYS B 82 25.01 22.55 -12.29
N LYS B 83 25.51 21.87 -13.35
CA LYS B 83 24.70 21.05 -14.27
C LYS B 83 23.64 20.13 -13.63
N GLY B 84 22.37 20.45 -13.89
CA GLY B 84 21.23 19.69 -13.38
C GLY B 84 20.82 19.98 -11.95
N GLY B 85 21.57 20.84 -11.27
CA GLY B 85 21.32 21.20 -9.88
C GLY B 85 20.10 22.08 -9.61
N LEU B 86 19.93 22.43 -8.34
CA LEU B 86 18.76 23.20 -7.91
C LEU B 86 18.59 24.60 -8.58
N LYS B 87 19.67 25.41 -8.72
CA LYS B 87 19.56 26.73 -9.32
C LYS B 87 19.15 26.58 -10.78
N GLU B 88 19.77 25.65 -11.50
CA GLU B 88 19.42 25.43 -12.90
C GLU B 88 17.96 24.95 -13.03
N LEU B 89 17.55 23.96 -12.21
CA LEU B 89 16.15 23.47 -12.21
C LEU B 89 15.16 24.62 -11.96
N PHE B 90 15.43 25.44 -10.95
CA PHE B 90 14.59 26.58 -10.58
C PHE B 90 14.46 27.61 -11.68
N GLY B 91 15.57 27.87 -12.39
CA GLY B 91 15.58 28.80 -13.51
C GLY B 91 14.69 28.33 -14.64
N LYS B 92 14.58 27.02 -14.83
CA LYS B 92 13.76 26.45 -15.89
C LYS B 92 12.29 26.38 -15.49
N GLY B 93 12.00 26.41 -14.18
CA GLY B 93 10.63 26.41 -13.71
C GLY B 93 9.79 25.18 -14.04
N PRO B 94 8.44 25.29 -13.89
CA PRO B 94 7.66 26.47 -13.40
C PRO B 94 8.01 26.66 -11.92
N GLN B 95 8.33 27.88 -11.50
CA GLN B 95 8.78 28.12 -10.13
C GLN B 95 7.74 27.87 -9.07
N ASN B 96 6.44 27.90 -9.41
CA ASN B 96 5.41 27.62 -8.40
C ASN B 96 5.35 26.10 -8.01
N ALA B 97 6.14 25.27 -8.67
CA ALA B 97 6.19 23.84 -8.39
C ALA B 97 7.41 23.53 -7.46
N PHE B 98 8.14 24.55 -6.96
CA PHE B 98 9.33 24.39 -6.11
C PHE B 98 9.01 24.73 -4.65
N PHE B 99 9.42 23.84 -3.76
CA PHE B 99 9.15 23.98 -2.34
C PHE B 99 10.37 23.57 -1.53
N LEU B 100 10.46 24.09 -0.31
CA LEU B 100 11.46 23.75 0.68
C LEU B 100 10.63 23.00 1.71
N VAL B 101 11.00 21.78 2.02
CA VAL B 101 10.29 21.02 3.04
C VAL B 101 11.20 20.81 4.24
N LYS B 102 10.80 21.34 5.41
N LYS B 102 10.82 21.32 5.43
CA LYS B 102 11.58 21.10 6.62
CA LYS B 102 11.64 21.12 6.61
C LYS B 102 10.97 19.87 7.28
C LYS B 102 11.04 19.99 7.46
N PHE B 103 11.80 18.92 7.71
CA PHE B 103 11.31 17.76 8.44
C PHE B 103 11.89 17.71 9.83
N TRP B 104 11.13 17.20 10.78
CA TRP B 104 11.57 16.94 12.14
C TRP B 104 11.38 15.42 12.30
N ALA B 105 12.41 14.65 11.99
CA ALA B 105 12.37 13.18 11.97
C ALA B 105 12.24 12.53 13.35
N ASP B 106 11.50 11.43 13.40
CA ASP B 106 11.30 10.59 14.57
C ASP B 106 12.25 9.39 14.45
N LEU B 107 13.32 9.43 15.22
CA LEU B 107 14.29 8.34 15.24
C LEU B 107 14.10 7.37 16.43
N ASN B 108 13.02 7.54 17.20
N ASN B 108 13.02 7.54 17.21
CA ASN B 108 12.74 6.69 18.35
CA ASN B 108 12.74 6.71 18.36
C ASN B 108 12.20 5.35 17.92
C ASN B 108 12.20 5.35 17.94
N CYS B 109 13.09 4.39 17.68
CA CYS B 109 12.69 3.02 17.32
C CYS B 109 13.81 2.04 17.71
N ASN B 110 13.51 0.73 17.74
CA ASN B 110 14.54 -0.27 18.05
C ASN B 110 14.87 -1.02 16.79
N ILE B 111 16.07 -0.81 16.23
CA ILE B 111 16.49 -1.52 15.04
C ILE B 111 17.06 -2.88 15.47
N GLN B 112 16.61 -3.99 14.85
CA GLN B 112 17.09 -5.31 15.21
C GLN B 112 17.84 -6.04 14.07
N ASP B 113 17.19 -6.25 12.91
CA ASP B 113 17.83 -6.96 11.79
C ASP B 113 17.17 -6.63 10.45
N ALA B 117 14.01 -6.91 8.34
CA ALA B 117 13.47 -5.54 8.41
C ALA B 117 13.47 -4.91 7.04
N PHE B 118 12.44 -4.10 6.75
CA PHE B 118 12.35 -3.45 5.44
C PHE B 118 12.39 -1.95 5.68
N TYR B 119 13.33 -1.25 5.09
CA TYR B 119 13.37 0.22 5.18
C TYR B 119 12.78 0.68 3.88
N GLY B 120 11.67 1.39 3.92
CA GLY B 120 10.98 1.79 2.71
C GLY B 120 10.35 3.16 2.68
N VAL B 121 9.75 3.47 1.54
CA VAL B 121 9.14 4.76 1.32
C VAL B 121 7.83 4.56 0.59
N THR B 122 6.81 5.33 0.98
CA THR B 122 5.52 5.34 0.29
C THR B 122 5.32 6.75 -0.22
N SER B 123 4.61 6.88 -1.30
CA SER B 123 4.23 8.18 -1.81
C SER B 123 2.99 8.06 -2.68
N GLN B 124 2.29 9.15 -2.83
CA GLN B 124 1.11 9.23 -3.65
C GLN B 124 1.04 10.63 -4.18
N TYR B 125 0.98 10.77 -5.51
CA TYR B 125 0.80 12.03 -6.22
C TYR B 125 -0.51 11.92 -7.03
N GLU B 126 -1.07 13.06 -7.40
CA GLU B 126 -2.31 13.08 -8.18
C GLU B 126 -2.25 14.18 -9.23
N SER B 127 -2.98 13.96 -10.33
N SER B 127 -2.96 13.94 -10.34
CA SER B 127 -3.08 14.91 -11.41
CA SER B 127 -3.11 14.89 -11.43
C SER B 127 -4.32 14.67 -12.27
C SER B 127 -4.47 14.72 -12.11
N SER B 128 -4.84 15.74 -12.88
N SER B 128 -4.89 15.72 -12.89
CA SER B 128 -5.96 15.64 -13.82
CA SER B 128 -6.11 15.61 -13.70
C SER B 128 -5.49 15.13 -15.20
C SER B 128 -5.76 15.01 -15.09
N GLU B 129 -4.18 15.06 -15.44
N GLU B 129 -4.48 15.05 -15.48
CA GLU B 129 -3.62 14.67 -16.71
CA GLU B 129 -3.92 14.58 -16.73
C GLU B 129 -3.00 13.28 -16.62
C GLU B 129 -3.29 13.19 -16.55
N ASN B 130 -3.24 12.44 -17.64
CA ASN B 130 -2.63 11.13 -17.67
C ASN B 130 -1.18 11.37 -18.11
N MET B 131 -0.24 11.14 -17.21
CA MET B 131 1.18 11.31 -17.54
C MET B 131 1.98 10.09 -17.09
N THR B 132 3.18 9.94 -17.62
CA THR B 132 4.13 8.95 -17.11
C THR B 132 5.16 9.82 -16.39
N VAL B 133 5.35 9.58 -15.10
CA VAL B 133 6.21 10.46 -14.32
C VAL B 133 7.44 9.75 -13.84
N THR B 134 8.53 10.50 -13.70
CA THR B 134 9.78 9.95 -13.22
C THR B 134 10.09 10.68 -11.94
N CYS B 135 10.38 9.95 -10.87
N CYS B 135 10.44 9.95 -10.92
CA CYS B 135 10.75 10.55 -9.59
CA CYS B 135 10.76 10.51 -9.63
C CYS B 135 12.24 10.32 -9.39
C CYS B 135 12.24 10.30 -9.34
N SER B 136 12.98 11.40 -9.12
CA SER B 136 14.40 11.36 -8.85
C SER B 136 14.65 11.81 -7.41
N THR B 137 15.22 10.95 -6.57
CA THR B 137 15.51 11.30 -5.19
C THR B 137 17.03 11.32 -5.07
N LYS B 138 17.61 12.46 -4.79
CA LYS B 138 19.06 12.61 -4.64
C LYS B 138 19.37 12.89 -3.20
N VAL B 139 20.22 12.09 -2.60
CA VAL B 139 20.64 12.25 -1.23
C VAL B 139 21.93 13.03 -1.28
N CYS B 140 22.00 14.06 -0.46
CA CYS B 140 23.14 14.95 -0.44
C CYS B 140 23.81 15.10 0.92
N SER B 141 25.14 15.18 0.88
CA SER B 141 26.01 15.38 2.03
C SER B 141 26.83 16.64 1.75
N PHE B 142 26.64 17.67 2.56
CA PHE B 142 27.29 18.97 2.37
C PHE B 142 26.98 19.55 0.98
N GLY B 143 25.78 19.34 0.50
CA GLY B 143 25.38 19.84 -0.81
C GLY B 143 25.87 19.02 -1.98
N LYS B 144 26.53 17.87 -1.74
CA LYS B 144 27.03 17.03 -2.84
C LYS B 144 26.22 15.77 -2.94
N GLN B 145 25.83 15.40 -4.15
CA GLN B 145 25.02 14.22 -4.36
C GLN B 145 25.85 12.97 -4.09
N VAL B 146 25.37 12.11 -3.19
CA VAL B 146 26.02 10.85 -2.88
C VAL B 146 25.24 9.66 -3.51
N VAL B 147 23.89 9.78 -3.61
N VAL B 147 23.88 9.74 -3.64
CA VAL B 147 23.00 8.74 -4.18
CA VAL B 147 23.12 8.66 -4.29
C VAL B 147 21.95 9.41 -5.06
C VAL B 147 21.84 9.19 -4.91
N GLU B 148 21.50 8.72 -6.11
CA GLU B 148 20.31 9.15 -6.84
C GLU B 148 19.47 7.92 -7.13
N LYS B 149 18.24 7.90 -6.65
CA LYS B 149 17.30 6.86 -6.95
C LYS B 149 16.32 7.39 -8.00
N VAL B 150 16.04 6.60 -9.03
CA VAL B 150 15.15 7.01 -10.10
C VAL B 150 14.05 5.94 -10.30
N GLU B 151 12.79 6.34 -10.23
CA GLU B 151 11.66 5.43 -10.41
C GLU B 151 10.69 6.04 -11.39
N THR B 152 10.18 5.27 -12.35
CA THR B 152 9.23 5.77 -13.34
C THR B 152 7.89 5.10 -13.08
N GLU B 153 6.79 5.86 -13.15
CA GLU B 153 5.51 5.27 -12.86
C GLU B 153 4.44 5.74 -13.78
N TYR B 154 3.72 4.80 -14.38
CA TYR B 154 2.59 5.06 -15.25
C TYR B 154 1.38 5.43 -14.42
N ALA B 155 0.44 6.17 -15.02
CA ALA B 155 -0.74 6.62 -14.31
C ALA B 155 -1.80 5.55 -14.14
N ARG B 156 -2.57 5.67 -13.08
CA ARG B 156 -3.71 4.84 -12.85
C ARG B 156 -4.92 5.77 -12.55
N PHE B 157 -6.02 5.58 -13.28
CA PHE B 157 -7.22 6.34 -13.04
C PHE B 157 -7.91 5.77 -11.79
N GLU B 158 -8.29 6.65 -10.83
CA GLU B 158 -9.03 6.27 -9.61
C GLU B 158 -9.85 7.45 -9.13
N ASN B 159 -11.14 7.23 -8.86
N ASN B 159 -11.12 7.27 -8.72
CA ASN B 159 -12.09 8.20 -8.32
CA ASN B 159 -11.92 8.38 -8.16
C ASN B 159 -11.98 9.60 -8.97
C ASN B 159 -11.86 9.70 -8.97
N GLY B 160 -12.10 9.64 -10.28
CA GLY B 160 -12.08 10.84 -11.09
C GLY B 160 -10.76 11.54 -11.39
N ARG B 161 -9.61 10.99 -10.93
CA ARG B 161 -8.32 11.61 -11.25
C ARG B 161 -7.23 10.55 -11.51
N PHE B 162 -6.02 10.97 -11.93
CA PHE B 162 -4.91 10.05 -12.14
C PHE B 162 -4.06 10.03 -10.86
N VAL B 163 -3.69 8.83 -10.37
CA VAL B 163 -2.97 8.68 -9.14
C VAL B 163 -1.67 7.92 -9.43
N TYR B 164 -0.56 8.36 -8.80
CA TYR B 164 0.77 7.79 -8.95
C TYR B 164 1.18 7.38 -7.54
N ARG B 165 1.02 6.10 -7.20
N ARG B 165 1.04 6.09 -7.22
CA ARG B 165 1.31 5.62 -5.87
CA ARG B 165 1.28 5.56 -5.90
C ARG B 165 2.43 4.57 -5.84
C ARG B 165 2.45 4.55 -5.86
N ILE B 166 3.38 4.74 -4.92
CA ILE B 166 4.49 3.82 -4.71
C ILE B 166 4.30 3.31 -3.29
N ASN B 167 4.12 2.01 -3.12
CA ASN B 167 3.78 1.44 -1.80
C ASN B 167 4.92 1.02 -0.90
N ARG B 168 6.00 0.52 -1.47
CA ARG B 168 7.06 -0.07 -0.68
C ARG B 168 8.34 0.09 -1.45
N SER B 169 8.72 1.34 -1.69
CA SER B 169 9.95 1.60 -2.43
C SER B 169 11.12 1.45 -1.48
N PRO B 170 12.08 0.61 -1.80
CA PRO B 170 13.18 0.36 -0.85
C PRO B 170 14.09 1.55 -0.69
N MET B 171 14.49 1.86 0.53
CA MET B 171 15.47 2.91 0.76
C MET B 171 16.84 2.44 0.21
N CYS B 172 17.67 3.38 -0.18
CA CYS B 172 19.05 3.13 -0.60
C CYS B 172 19.81 2.75 0.64
N GLU B 173 20.84 1.94 0.45
CA GLU B 173 21.77 1.44 1.45
C GLU B 173 22.34 2.55 2.28
N TYR B 174 22.66 3.68 1.65
CA TYR B 174 23.22 4.85 2.34
C TYR B 174 22.30 5.28 3.48
N MET B 175 20.98 5.27 3.23
CA MET B 175 20.02 5.70 4.24
C MET B 175 19.99 4.79 5.42
N ILE B 176 20.08 3.48 5.18
CA ILE B 176 20.06 2.47 6.24
C ILE B 176 21.24 2.68 7.18
N ASN B 177 22.44 2.83 6.61
CA ASN B 177 23.65 3.06 7.39
C ASN B 177 23.60 4.42 8.11
N PHE B 178 23.00 5.42 7.46
CA PHE B 178 22.89 6.76 8.03
C PHE B 178 21.98 6.73 9.24
N ILE B 179 20.85 6.04 9.14
CA ILE B 179 19.91 5.87 10.25
C ILE B 179 20.60 5.15 11.42
N HIS B 180 21.35 4.08 11.12
CA HIS B 180 22.10 3.36 12.16
C HIS B 180 23.12 4.30 12.84
N LYS B 181 23.82 5.13 12.05
CA LYS B 181 24.77 6.12 12.55
C LYS B 181 24.08 7.10 13.51
N LEU B 182 22.92 7.68 13.10
CA LEU B 182 22.17 8.63 13.93
C LEU B 182 21.77 8.02 15.25
N LYS B 183 21.24 6.78 15.23
CA LYS B 183 20.78 6.12 16.45
C LYS B 183 21.89 5.68 17.40
N HIS B 184 23.16 5.69 16.93
CA HIS B 184 24.29 5.38 17.81
C HIS B 184 24.84 6.64 18.50
N LEU B 185 24.05 7.72 18.60
CA LEU B 185 24.44 8.95 19.27
C LEU B 185 23.55 9.12 20.51
N PRO B 186 24.12 9.54 21.64
CA PRO B 186 23.32 9.64 22.88
C PRO B 186 22.33 10.79 22.96
N GLU B 187 22.60 11.93 22.31
CA GLU B 187 21.71 13.09 22.43
C GLU B 187 21.24 13.67 21.11
N LYS B 188 20.08 14.35 21.15
CA LYS B 188 19.45 15.02 20.02
C LYS B 188 20.29 16.12 19.38
N TYR B 189 21.09 16.87 20.19
CA TYR B 189 21.92 17.92 19.61
C TYR B 189 23.01 17.36 18.71
N MET B 190 23.48 16.13 19.01
CA MET B 190 24.50 15.44 18.22
C MET B 190 23.89 14.96 16.93
N MET B 191 22.64 14.44 16.97
CA MET B 191 21.92 14.00 15.78
C MET B 191 21.63 15.22 14.89
N ASN B 192 21.29 16.38 15.49
CA ASN B 192 21.06 17.59 14.72
C ASN B 192 22.27 18.06 13.98
N SER B 193 23.46 17.89 14.57
CA SER B 193 24.71 18.28 13.93
C SER B 193 25.01 17.37 12.72
N VAL B 194 24.64 16.09 12.80
CA VAL B 194 24.82 15.18 11.68
C VAL B 194 23.79 15.54 10.59
N LEU B 195 22.54 15.76 11.00
CA LEU B 195 21.44 16.10 10.10
C LEU B 195 21.57 17.45 9.43
N GLU B 196 22.32 18.41 10.01
CA GLU B 196 22.42 19.76 9.43
C GLU B 196 22.96 19.75 8.04
N ASN B 197 23.88 18.81 7.72
CA ASN B 197 24.48 18.78 6.40
C ASN B 197 23.97 17.63 5.51
N PHE B 198 22.79 17.11 5.82
CA PHE B 198 22.14 16.01 5.10
C PHE B 198 20.88 16.59 4.48
N THR B 199 20.77 16.53 3.16
CA THR B 199 19.56 17.01 2.49
C THR B 199 19.12 16.02 1.45
N ILE B 200 17.86 16.11 1.01
CA ILE B 200 17.37 15.29 -0.06
C ILE B 200 16.69 16.20 -1.09
N LEU B 201 16.97 16.01 -2.36
CA LEU B 201 16.34 16.78 -3.42
C LEU B 201 15.43 15.83 -4.18
N LEU B 202 14.11 16.03 -4.07
CA LEU B 202 13.14 15.17 -4.74
C LEU B 202 12.60 15.91 -5.94
N VAL B 203 12.78 15.37 -7.14
CA VAL B 203 12.28 16.01 -8.36
C VAL B 203 11.38 15.02 -9.13
N VAL B 204 10.14 15.40 -9.40
CA VAL B 204 9.22 14.61 -10.20
C VAL B 204 9.09 15.30 -11.56
N THR B 205 9.31 14.54 -12.64
N THR B 205 9.33 14.54 -12.64
CA THR B 205 9.33 15.07 -14.00
CA THR B 205 9.27 15.10 -14.00
C THR B 205 8.38 14.31 -14.91
C THR B 205 8.25 14.34 -14.84
N ASN B 206 7.78 14.97 -15.91
CA ASN B 206 6.91 14.31 -16.86
C ASN B 206 7.91 13.61 -17.80
N ARG B 207 7.93 12.28 -17.83
CA ARG B 207 8.91 11.53 -18.66
C ARG B 207 8.83 11.87 -20.13
N ASP B 208 7.64 12.15 -20.63
CA ASP B 208 7.44 12.38 -22.07
C ASP B 208 7.86 13.75 -22.60
N THR B 209 7.85 14.79 -21.75
CA THR B 209 8.24 16.17 -22.14
C THR B 209 9.48 16.70 -21.39
N GLN B 210 9.87 16.04 -20.29
CA GLN B 210 10.94 16.44 -19.35
C GLN B 210 10.57 17.65 -18.48
N GLU B 211 9.30 18.13 -18.51
CA GLU B 211 8.89 19.25 -17.70
C GLU B 211 9.00 18.90 -16.24
N THR B 212 9.44 19.85 -15.41
CA THR B 212 9.46 19.62 -13.97
C THR B 212 8.04 19.80 -13.44
N LEU B 213 7.49 18.77 -12.80
CA LEU B 213 6.14 18.77 -12.24
C LEU B 213 6.13 19.22 -10.78
N LEU B 214 7.17 18.86 -10.03
N LEU B 214 7.15 18.85 -10.02
CA LEU B 214 7.29 19.11 -8.61
CA LEU B 214 7.31 19.18 -8.62
C LEU B 214 8.75 19.01 -8.20
C LEU B 214 8.76 19.06 -8.23
N CYS B 215 9.19 19.92 -7.31
CA CYS B 215 10.57 19.83 -6.78
C CYS B 215 10.50 20.16 -5.31
N MET B 216 10.95 19.23 -4.46
CA MET B 216 10.98 19.42 -3.02
C MET B 216 12.41 19.31 -2.50
N ALA B 217 12.90 20.42 -1.96
CA ALA B 217 14.23 20.54 -1.43
C ALA B 217 14.05 20.30 0.05
N CYS B 218 14.52 19.16 0.54
CA CYS B 218 14.23 18.70 1.89
C CYS B 218 15.39 18.89 2.87
N VAL B 219 15.10 19.49 4.05
CA VAL B 219 16.08 19.68 5.10
C VAL B 219 15.57 19.01 6.36
N PHE B 220 16.48 18.61 7.26
CA PHE B 220 16.15 17.80 8.41
C PHE B 220 16.71 18.25 9.77
N GLU B 221 15.97 17.90 10.81
CA GLU B 221 16.30 18.07 12.22
C GLU B 221 15.58 16.88 12.93
N VAL B 222 15.87 16.65 14.20
N VAL B 222 15.89 16.62 14.20
CA VAL B 222 15.19 15.61 14.97
CA VAL B 222 15.16 15.59 14.95
C VAL B 222 13.96 16.24 15.63
C VAL B 222 13.96 16.22 15.63
N SER B 223 12.89 15.46 15.79
CA SER B 223 11.69 15.95 16.43
C SER B 223 11.86 15.83 17.92
N ASN B 224 11.43 16.87 18.64
CA ASN B 224 11.39 16.91 20.10
C ASN B 224 9.94 16.64 20.62
N SER B 225 8.94 16.69 19.72
CA SER B 225 7.52 16.53 20.02
C SER B 225 7.11 15.14 20.47
N GLU B 226 6.15 15.10 21.42
CA GLU B 226 5.57 13.82 21.85
C GLU B 226 4.56 13.28 20.81
N HIS B 227 4.16 14.11 19.84
CA HIS B 227 3.31 13.69 18.74
C HIS B 227 4.12 13.10 17.55
N GLY B 228 5.44 12.95 17.71
CA GLY B 228 6.31 12.34 16.71
C GLY B 228 6.86 13.29 15.67
N ALA B 229 6.98 12.79 14.45
CA ALA B 229 7.50 13.53 13.32
C ALA B 229 6.65 14.75 12.96
N GLN B 230 7.31 15.80 12.48
CA GLN B 230 6.63 17.02 12.07
C GLN B 230 7.24 17.51 10.73
N HIS B 231 6.55 18.43 10.06
CA HIS B 231 7.03 19.02 8.83
C HIS B 231 6.39 20.38 8.59
N HIS B 232 7.07 21.19 7.80
N HIS B 232 7.09 21.21 7.84
CA HIS B 232 6.59 22.50 7.43
CA HIS B 232 6.58 22.51 7.43
C HIS B 232 7.02 22.74 6.00
C HIS B 232 7.01 22.68 5.98
N ILE B 233 6.05 23.02 5.12
CA ILE B 233 6.31 23.24 3.73
C ILE B 233 6.34 24.76 3.46
N TYR B 234 7.33 25.20 2.67
CA TYR B 234 7.49 26.59 2.23
C TYR B 234 7.61 26.60 0.73
N ARG B 235 7.25 27.73 0.12
CA ARG B 235 7.44 27.92 -1.30
C ARG B 235 8.83 28.45 -1.49
N LEU B 236 9.50 28.02 -2.53
CA LEU B 236 10.87 28.47 -2.81
C LEU B 236 10.79 29.65 -3.76
N VAL B 237 11.34 30.81 -3.38
CA VAL B 237 11.24 32.04 -4.18
C VAL B 237 12.65 32.66 -4.41
N LYS B 238 12.75 33.57 -5.35
CA LYS B 238 14.01 34.30 -5.60
C LYS B 238 13.57 35.77 -5.52
N ASP B 239 13.48 36.31 -4.30
CA ASP B 239 12.98 37.64 -3.87
C ASP B 239 11.76 37.47 -2.96
N1 K46 C . -11.94 -11.76 5.04
N3 K46 C . -14.02 -8.82 3.85
C4 K46 C . -11.35 -13.87 1.48
C5 K46 C . -12.05 -12.66 1.45
C6 K46 C . -12.24 -11.96 2.64
C7 K46 C . -13.00 -10.65 2.61
C8 K46 C . -13.37 -10.11 3.99
C10 K46 C . -11.93 -12.39 6.32
C13 K46 C . -11.64 -13.76 8.75
C15 K46 C . -11.25 -11.80 7.39
C17 K46 C . -15.33 -8.67 3.95
C1 K46 C . -11.73 -12.49 3.85
C2 K46 C . -11.05 -13.70 3.85
C3 K46 C . -10.86 -14.39 2.67
C9 K46 C . -12.23 -10.31 4.96
N2 K46 C . -12.53 -12.17 0.25
C11 K46 C . -12.51 -13.65 6.49
C12 K46 C . -12.34 -14.33 7.69
C14 K46 C . -11.11 -12.47 8.59
C16 K46 C . -11.52 -14.48 10.06
F1 K46 C . -12.61 -14.35 10.80
F2 K46 C . -11.35 -15.80 9.93
F3 K46 C . -10.50 -14.03 10.81
O1 K46 C . -16.05 -9.53 4.45
C18 K46 C . -15.89 -7.38 3.43
C19 K46 C . -17.42 -7.36 3.48
N1 K46 D . 13.97 9.50 3.68
N3 K46 D . 15.18 7.53 0.67
C4 K46 D . 12.15 12.79 1.86
C5 K46 D . 12.60 11.74 1.06
C6 K46 D . 13.24 10.65 1.68
C7 K46 D . 13.82 9.56 0.82
C8 K46 D . 14.76 8.62 1.55
C10 K46 D . 14.58 9.59 4.97
C13 K46 D . 15.42 9.93 7.62
C15 K46 D . 14.40 8.57 5.89
C17 K46 D . 16.39 7.47 0.11
C1 K46 D . 13.36 10.62 3.08
C2 K46 D . 12.88 11.67 3.85
C3 K46 D . 12.28 12.75 3.24
C9 K46 D . 14.17 8.25 2.91
N2 K46 D . 12.39 11.76 -0.30
C11 K46 D . 15.21 10.77 5.36
C12 K46 D . 15.61 10.94 6.67
C14 K46 D . 14.81 8.74 7.21
C16 K46 D . 15.95 10.08 9.01
F1 K46 D . 17.22 9.78 9.08
F2 K46 D . 15.85 11.33 9.51
F3 K46 D . 15.31 9.32 9.89
O1 K46 D . 17.35 8.15 0.52
C18 K46 D . 16.55 6.50 -1.02
C19 K46 D . 17.95 6.56 -1.60
#